data_2X2U
#
_entry.id   2X2U
#
_cell.length_a   86.074
_cell.length_b   86.074
_cell.length_c   110.475
_cell.angle_alpha   90.00
_cell.angle_beta   90.00
_cell.angle_gamma   90.00
#
_symmetry.space_group_name_H-M   'P 43 21 2'
#
loop_
_entity.id
_entity.type
_entity.pdbx_description
1 polymer 'PROTO-ONCOGENE TYROSINE-PROTEIN KINASE RECEPTOR RET'
2 branched 2-acetamido-2-deoxy-beta-D-glucopyranose-(1-4)-2-acetamido-2-deoxy-beta-D-glucopyranose
3 non-polymer 'UNKNOWN ATOM OR ION'
4 non-polymer 'SULFATE ION'
5 non-polymer 1,4-BUTANEDIOL
6 water water
#
_entity_poly.entity_id   1
_entity_poly.type   'polypeptide(L)'
_entity_poly.pdbx_seq_one_letter_code
;LYFSRDAYWEKLYVDQAAGTPLLYVHALRDAPEEVPSFRLGQHLYGTYRTRLHENNWIRIQEDTGLLYLQRSLDHSSWEK
LSVRNRGFPLLTVYLKVFLSPTSLREGECQWPGCARVYFSFFNTSFPACSSLKPRELCFPETRPSFRIRENRPPGTFHQF
RLLPVQFLCPQISVAYRLLEGEGLPFRSAPDSLEVSTRWALDREQREKYELVAVCTVHAGAREEVVMVPFPVTVYDEDDS
APEFEN
;
_entity_poly.pdbx_strand_id   A
#
loop_
_chem_comp.id
_chem_comp.type
_chem_comp.name
_chem_comp.formula
BU1 non-polymer 1,4-BUTANEDIOL 'C4 H10 O2'
NAG D-saccharide, beta linking 2-acetamido-2-deoxy-beta-D-glucopyranose 'C8 H15 N O6'
SO4 non-polymer 'SULFATE ION' 'O4 S -2'
UNX non-polymer 'UNKNOWN ATOM OR ION' ?
#
# COMPACT_ATOMS: atom_id res chain seq x y z
N LEU A 1 13.71 -8.93 8.73
CA LEU A 1 12.37 -8.60 8.15
C LEU A 1 12.55 -7.52 7.07
N TYR A 2 11.70 -7.57 6.05
CA TYR A 2 11.73 -6.47 5.01
C TYR A 2 10.29 -6.19 4.49
N PHE A 3 10.01 -4.91 4.10
CA PHE A 3 8.69 -4.63 3.49
C PHE A 3 8.62 -5.35 2.18
N SER A 4 7.41 -5.77 1.72
CA SER A 4 7.31 -6.29 0.42
C SER A 4 7.18 -5.21 -0.67
N ARG A 5 7.08 -3.95 -0.26
CA ARG A 5 7.21 -2.79 -1.20
C ARG A 5 8.06 -1.73 -0.59
N ASP A 6 8.78 -0.97 -1.41
CA ASP A 6 9.49 0.20 -0.83
C ASP A 6 8.57 1.42 -0.66
N ALA A 7 7.53 1.52 -1.51
CA ALA A 7 6.63 2.67 -1.53
C ALA A 7 5.19 2.18 -1.67
N TYR A 8 4.28 2.83 -0.93
CA TYR A 8 2.84 2.60 -0.95
C TYR A 8 2.16 3.92 -1.33
N TRP A 9 0.91 3.87 -1.79
CA TRP A 9 0.29 5.14 -2.14
C TRP A 9 -1.23 4.98 -2.00
N GLU A 10 -1.87 6.10 -1.61
CA GLU A 10 -3.34 6.18 -1.59
C GLU A 10 -3.69 7.66 -1.78
N LYS A 11 -4.92 8.06 -1.59
CA LYS A 11 -5.41 9.45 -1.86
C LYS A 11 -5.97 9.88 -0.50
N LEU A 12 -5.94 11.18 -0.19
CA LEU A 12 -6.62 11.71 1.02
C LEU A 12 -7.40 12.92 0.51
N TYR A 13 -8.54 13.24 1.11
CA TYR A 13 -9.52 14.27 0.70
C TYR A 13 -9.67 15.16 1.90
N VAL A 14 -10.24 16.32 1.69
CA VAL A 14 -10.66 17.21 2.84
C VAL A 14 -11.78 16.59 3.62
N ASP A 15 -11.73 16.61 4.94
CA ASP A 15 -12.92 16.24 5.74
C ASP A 15 -13.23 14.72 5.70
N GLN A 16 -12.22 13.91 5.44
CA GLN A 16 -12.45 12.44 5.66
C GLN A 16 -12.56 12.15 7.17
N ALA A 17 -13.50 11.30 7.57
CA ALA A 17 -13.84 11.11 8.93
C ALA A 17 -12.63 10.46 9.65
N ALA A 18 -12.37 10.90 10.89
CA ALA A 18 -11.55 10.14 11.87
C ALA A 18 -12.00 8.71 11.75
N GLY A 19 -11.09 7.72 11.75
CA GLY A 19 -11.64 6.35 11.66
C GLY A 19 -11.68 5.79 10.25
N THR A 20 -11.31 6.60 9.23
CA THR A 20 -11.16 6.02 7.85
C THR A 20 -9.92 5.10 7.82
N PRO A 21 -10.13 3.89 7.39
CA PRO A 21 -8.92 3.09 7.24
C PRO A 21 -8.28 3.37 5.87
N LEU A 22 -6.94 3.29 5.79
CA LEU A 22 -6.23 3.81 4.63
C LEU A 22 -5.63 2.72 3.80
N LEU A 23 -4.69 1.95 4.36
CA LEU A 23 -4.12 0.77 3.66
C LEU A 23 -3.29 0.00 4.67
N TYR A 24 -2.84 -1.19 4.28
CA TYR A 24 -1.89 -2.00 5.04
C TYR A 24 -0.51 -1.95 4.43
N VAL A 25 0.52 -2.03 5.28
CA VAL A 25 1.85 -2.34 4.80
C VAL A 25 2.06 -3.83 5.22
N HIS A 26 3.08 -4.46 4.66
CA HIS A 26 3.39 -5.90 4.91
C HIS A 26 4.87 -6.07 5.04
N ALA A 27 5.33 -6.89 6.03
CA ALA A 27 6.79 -7.15 6.18
C ALA A 27 6.90 -8.67 6.09
N LEU A 28 7.80 -9.14 5.24
CA LEU A 28 8.04 -10.59 5.15
C LEU A 28 9.23 -10.90 6.09
N ARG A 29 9.52 -12.19 6.34
CA ARG A 29 10.61 -12.55 7.30
C ARG A 29 11.93 -12.82 6.63
N ASP A 30 13.01 -12.53 7.34
CA ASP A 30 14.31 -12.99 6.89
C ASP A 30 14.74 -14.30 7.62
N ALA A 31 14.15 -14.54 8.77
CA ALA A 31 14.38 -15.77 9.59
C ALA A 31 12.97 -16.17 10.16
N PRO A 32 12.73 -17.51 10.42
CA PRO A 32 11.37 -17.96 10.73
C PRO A 32 10.72 -17.35 11.96
N GLU A 33 11.47 -16.86 12.95
CA GLU A 33 10.79 -16.44 14.18
C GLU A 33 10.46 -14.92 14.17
N GLU A 34 10.82 -14.25 13.04
CA GLU A 34 10.80 -12.75 13.06
C GLU A 34 9.35 -12.29 13.03
N VAL A 35 9.02 -11.28 13.81
CA VAL A 35 7.67 -10.67 13.84
C VAL A 35 7.78 -9.17 13.71
N PRO A 36 7.06 -8.56 12.69
CA PRO A 36 7.21 -7.09 12.61
C PRO A 36 6.57 -6.34 13.72
N SER A 37 7.14 -5.18 14.04
CA SER A 37 6.49 -4.25 14.87
C SER A 37 6.52 -2.87 14.16
N PHE A 38 5.34 -2.36 13.75
CA PHE A 38 5.35 -1.19 12.77
C PHE A 38 5.25 0.07 13.52
N ARG A 39 6.05 1.10 13.17
CA ARG A 39 5.84 2.43 13.72
C ARG A 39 6.09 3.48 12.67
N LEU A 40 5.43 4.60 12.86
CA LEU A 40 5.53 5.72 11.94
C LEU A 40 6.65 6.67 12.36
N GLY A 41 7.29 7.33 11.38
CA GLY A 41 8.06 8.52 11.63
C GLY A 41 7.22 9.55 12.28
N GLN A 42 7.87 10.57 12.81
CA GLN A 42 7.19 11.59 13.60
C GLN A 42 6.48 12.62 12.71
N HIS A 43 7.00 12.83 11.49
CA HIS A 43 6.49 13.96 10.65
C HIS A 43 5.80 13.48 9.35
N LEU A 44 5.04 14.40 8.77
CA LEU A 44 4.59 14.36 7.38
C LEU A 44 5.49 15.19 6.51
N TYR A 45 5.70 14.72 5.27
CA TYR A 45 6.70 15.29 4.37
C TYR A 45 5.97 15.73 3.07
N GLY A 46 6.50 16.70 2.34
CA GLY A 46 5.69 17.25 1.21
C GLY A 46 6.70 17.19 0.07
N THR A 47 6.74 18.23 -0.77
CA THR A 47 7.46 18.17 -2.03
C THR A 47 9.01 18.20 -1.79
N TYR A 48 9.75 17.46 -2.60
CA TYR A 48 11.21 17.32 -2.44
C TYR A 48 11.68 17.06 -0.97
N ARG A 49 10.88 16.33 -0.25
CA ARG A 49 11.19 15.79 1.12
C ARG A 49 11.14 16.92 2.14
N THR A 50 10.37 17.94 1.86
CA THR A 50 10.21 19.03 2.80
C THR A 50 9.60 18.52 4.08
N ARG A 51 10.17 18.85 5.28
CA ARG A 51 9.57 18.34 6.53
C ARG A 51 8.44 19.30 6.84
N LEU A 52 7.16 18.85 6.80
CA LEU A 52 5.98 19.79 6.86
C LEU A 52 5.52 20.06 8.30
N HIS A 53 5.34 18.99 9.11
CA HIS A 53 4.58 19.11 10.38
C HIS A 53 4.66 17.78 11.07
N GLU A 54 4.54 17.79 12.40
CA GLU A 54 4.35 16.54 13.16
C GLU A 54 3.09 15.86 12.64
N ASN A 55 3.12 14.54 12.50
CA ASN A 55 1.89 13.90 12.03
C ASN A 55 0.84 13.73 13.15
N ASN A 56 -0.17 14.58 13.19
CA ASN A 56 -1.17 14.55 14.17
C ASN A 56 -2.37 13.80 13.68
N TRP A 57 -2.31 13.16 12.51
CA TRP A 57 -3.60 12.64 11.92
C TRP A 57 -3.64 11.15 11.66
N ILE A 58 -2.49 10.57 11.25
CA ILE A 58 -2.47 9.21 10.79
C ILE A 58 -1.78 8.28 11.87
N ARG A 59 -2.39 7.15 12.12
CA ARG A 59 -1.75 6.13 13.05
C ARG A 59 -1.60 4.81 12.42
N ILE A 60 -0.73 3.93 12.92
CA ILE A 60 -0.65 2.63 12.34
C ILE A 60 -0.89 1.65 13.50
N GLN A 61 -1.50 0.53 13.20
CA GLN A 61 -1.57 -0.61 14.15
C GLN A 61 -0.22 -1.35 14.14
N GLU A 62 0.47 -1.30 15.30
CA GLU A 62 1.79 -1.80 15.43
C GLU A 62 1.91 -3.24 15.05
N ASP A 63 0.87 -4.06 15.30
CA ASP A 63 1.07 -5.45 14.93
C ASP A 63 0.63 -5.75 13.51
N THR A 64 -0.44 -5.13 13.07
CA THR A 64 -1.03 -5.63 11.81
C THR A 64 -0.61 -4.76 10.56
N GLY A 65 -0.12 -3.58 10.81
CA GLY A 65 0.38 -2.70 9.72
C GLY A 65 -0.75 -1.92 9.04
N LEU A 66 -1.92 -1.84 9.67
CA LEU A 66 -3.02 -0.97 9.25
C LEU A 66 -2.78 0.47 9.57
N LEU A 67 -2.79 1.35 8.52
CA LEU A 67 -2.74 2.79 8.64
C LEU A 67 -4.15 3.31 8.57
N TYR A 68 -4.48 4.29 9.42
CA TYR A 68 -5.87 4.81 9.47
C TYR A 68 -5.82 6.27 9.97
N LEU A 69 -6.92 6.99 9.82
CA LEU A 69 -6.96 8.33 10.33
C LEU A 69 -7.37 8.31 11.81
N GLN A 70 -6.46 8.74 12.67
CA GLN A 70 -6.91 8.97 14.06
C GLN A 70 -7.75 10.28 14.24
N ARG A 71 -7.63 11.26 13.32
CA ARG A 71 -8.24 12.58 13.43
C ARG A 71 -8.51 12.98 11.99
N SER A 72 -9.64 13.65 11.75
CA SER A 72 -9.98 14.04 10.36
C SER A 72 -9.01 15.18 9.95
N LEU A 73 -8.74 15.26 8.68
CA LEU A 73 -8.00 16.30 8.04
C LEU A 73 -9.03 17.28 7.44
N ASP A 74 -9.18 18.40 8.12
CA ASP A 74 -10.11 19.41 7.62
C ASP A 74 -9.34 20.48 6.83
N HIS A 75 -10.07 21.49 6.35
CA HIS A 75 -9.51 22.54 5.52
C HIS A 75 -8.36 23.16 6.22
N SER A 76 -8.45 23.38 7.51
CA SER A 76 -7.35 24.04 8.20
C SER A 76 -6.07 23.18 8.33
N SER A 77 -6.27 21.85 8.59
CA SER A 77 -5.18 20.90 8.59
C SER A 77 -4.40 21.02 7.27
N TRP A 78 -5.10 20.96 6.15
CA TRP A 78 -4.43 20.97 4.84
C TRP A 78 -3.72 22.29 4.58
N GLU A 79 -4.30 23.37 5.12
CA GLU A 79 -3.59 24.69 5.11
C GLU A 79 -2.32 24.74 5.92
N LYS A 80 -2.26 24.23 7.17
CA LYS A 80 -1.05 24.14 7.95
C LYS A 80 0.02 23.41 7.11
N LEU A 81 -0.38 22.38 6.37
CA LEU A 81 0.61 21.48 5.66
C LEU A 81 1.05 22.23 4.41
N SER A 82 0.07 22.75 3.70
CA SER A 82 0.42 23.59 2.51
C SER A 82 1.39 24.75 2.79
N VAL A 83 1.19 25.47 3.86
CA VAL A 83 2.04 26.63 4.11
C VAL A 83 3.48 26.26 4.52
N ARG A 84 3.67 25.03 5.02
CA ARG A 84 4.99 24.55 5.34
C ARG A 84 5.75 23.90 4.13
N ASN A 85 5.11 23.84 2.96
CA ASN A 85 5.66 23.16 1.79
C ASN A 85 6.57 24.05 0.92
N ARG A 86 7.15 25.11 1.52
CA ARG A 86 8.25 25.84 0.91
C ARG A 86 7.89 26.49 -0.43
N GLY A 87 6.60 26.88 -0.58
CA GLY A 87 6.14 27.48 -1.84
C GLY A 87 5.66 26.58 -2.93
N PHE A 88 5.75 25.23 -2.76
CA PHE A 88 5.37 24.34 -3.83
C PHE A 88 3.90 24.02 -3.60
N PRO A 89 3.16 23.74 -4.66
CA PRO A 89 1.74 23.32 -4.47
C PRO A 89 1.73 21.97 -3.67
N LEU A 90 0.83 21.81 -2.72
CA LEU A 90 0.82 20.60 -1.92
C LEU A 90 0.06 19.54 -2.73
N LEU A 91 0.79 18.61 -3.34
CA LEU A 91 0.11 17.65 -4.15
C LEU A 91 0.18 16.27 -3.45
N THR A 92 1.30 15.99 -2.82
CA THR A 92 1.58 14.67 -2.20
C THR A 92 2.15 14.90 -0.82
N VAL A 93 1.78 14.05 0.16
CA VAL A 93 2.37 14.13 1.49
C VAL A 93 2.74 12.63 1.77
N TYR A 94 3.85 12.44 2.47
CA TYR A 94 4.20 11.04 2.83
C TYR A 94 4.66 10.92 4.28
N LEU A 95 4.71 9.64 4.70
CA LEU A 95 5.08 9.27 6.04
C LEU A 95 6.08 8.15 5.83
N LYS A 96 6.88 7.95 6.87
CA LYS A 96 7.83 6.79 6.93
C LYS A 96 7.24 5.78 7.85
N VAL A 97 7.43 4.50 7.50
CA VAL A 97 6.96 3.34 8.23
C VAL A 97 8.14 2.43 8.49
N PHE A 98 8.52 2.32 9.79
CA PHE A 98 9.64 1.41 10.20
C PHE A 98 9.10 0.06 10.70
N LEU A 99 9.84 -1.03 10.50
CA LEU A 99 9.25 -2.34 10.84
C LEU A 99 9.87 -2.99 12.14
N SER A 100 10.89 -2.35 12.73
CA SER A 100 11.55 -2.90 13.97
C SER A 100 12.00 -1.80 14.88
N GLU A 108 17.13 8.39 7.68
CA GLU A 108 16.91 7.90 6.30
C GLU A 108 15.80 6.79 6.20
N CYS A 109 14.97 6.86 5.13
CA CYS A 109 13.93 5.83 4.97
C CYS A 109 14.13 5.05 3.72
N GLN A 110 14.70 3.84 3.81
CA GLN A 110 15.06 3.09 2.62
C GLN A 110 14.63 1.66 2.83
N TRP A 111 14.19 1.04 1.75
CA TRP A 111 13.95 -0.39 1.75
C TRP A 111 15.34 -1.04 2.09
N PRO A 112 15.32 -2.15 2.86
CA PRO A 112 14.17 -3.03 3.32
C PRO A 112 13.53 -2.70 4.65
N GLY A 113 14.17 -1.89 5.46
CA GLY A 113 13.69 -1.55 6.77
C GLY A 113 12.72 -0.41 6.97
N CYS A 114 12.44 0.37 5.91
CA CYS A 114 11.61 1.52 6.06
C CYS A 114 10.86 1.64 4.72
N ALA A 115 9.56 1.89 4.80
CA ALA A 115 8.73 2.17 3.60
C ALA A 115 8.14 3.53 3.65
N ARG A 116 7.96 4.17 2.50
CA ARG A 116 7.39 5.48 2.44
C ARG A 116 5.99 5.29 1.92
N VAL A 117 5.04 5.88 2.63
CA VAL A 117 3.63 5.74 2.28
C VAL A 117 3.20 7.12 1.74
N TYR A 118 2.81 7.18 0.45
CA TYR A 118 2.53 8.52 -0.19
C TYR A 118 1.04 8.77 -0.31
N PHE A 119 0.52 9.99 0.04
CA PHE A 119 -0.89 10.20 -0.21
C PHE A 119 -0.98 11.39 -1.14
N SER A 120 -1.68 11.20 -2.26
CA SER A 120 -2.07 12.33 -3.19
C SER A 120 -3.22 13.11 -2.51
N PHE A 121 -3.01 14.39 -2.28
CA PHE A 121 -4.02 15.15 -1.65
C PHE A 121 -4.98 15.70 -2.73
N PHE A 122 -6.28 15.60 -2.47
CA PHE A 122 -7.28 16.17 -3.43
C PHE A 122 -8.08 17.12 -2.66
N ASN A 123 -8.02 18.40 -3.08
CA ASN A 123 -8.72 19.42 -2.36
C ASN A 123 -10.27 19.37 -2.58
N THR A 124 -10.94 18.29 -2.21
CA THR A 124 -12.37 18.16 -2.42
C THR A 124 -12.76 17.10 -1.44
N SER A 125 -14.06 16.83 -1.39
CA SER A 125 -14.59 15.78 -0.55
CA SER A 125 -14.49 15.78 -0.50
C SER A 125 -14.32 14.45 -1.23
N PHE A 126 -14.32 13.38 -0.49
CA PHE A 126 -14.22 12.11 -1.18
C PHE A 126 -15.36 12.03 -2.28
N PRO A 127 -15.08 11.45 -3.46
CA PRO A 127 -16.19 11.55 -4.45
C PRO A 127 -17.44 10.72 -4.12
N ALA A 128 -18.56 11.02 -4.80
CA ALA A 128 -19.80 10.23 -4.60
C ALA A 128 -19.48 8.86 -5.07
N CYS A 129 -19.98 7.87 -4.33
CA CYS A 129 -19.84 6.48 -4.65
C CYS A 129 -20.28 6.11 -6.05
N SER A 130 -21.37 6.71 -6.53
CA SER A 130 -21.95 6.33 -7.79
C SER A 130 -21.04 6.89 -8.91
N SER A 131 -20.14 7.83 -8.59
CA SER A 131 -19.29 8.41 -9.59
C SER A 131 -18.07 7.53 -9.92
N LEU A 132 -17.83 6.49 -9.15
CA LEU A 132 -16.52 5.82 -9.21
C LEU A 132 -16.61 4.77 -10.29
N LYS A 133 -15.63 4.69 -11.16
CA LYS A 133 -15.59 3.68 -12.22
C LYS A 133 -14.94 2.43 -11.67
N PRO A 134 -15.19 1.26 -12.33
CA PRO A 134 -14.57 0.04 -11.82
C PRO A 134 -13.02 0.14 -11.57
N ARG A 135 -12.24 0.74 -12.49
CA ARG A 135 -10.78 0.80 -12.33
C ARG A 135 -10.43 1.48 -10.97
N GLU A 136 -11.14 2.58 -10.58
CA GLU A 136 -10.86 3.34 -9.34
C GLU A 136 -11.39 2.64 -8.08
N LEU A 137 -12.42 1.83 -8.25
CA LEU A 137 -12.96 1.02 -7.16
C LEU A 137 -12.00 -0.19 -6.83
N CYS A 138 -11.23 -0.65 -7.83
CA CYS A 138 -10.54 -1.95 -7.81
C CYS A 138 -9.10 -1.81 -7.35
N PHE A 139 -8.31 -0.93 -7.97
CA PHE A 139 -6.84 -0.93 -7.67
C PHE A 139 -6.34 0.47 -7.46
N PRO A 140 -5.15 0.64 -6.84
CA PRO A 140 -4.62 2.00 -6.77
C PRO A 140 -4.39 2.58 -8.21
N GLU A 141 -4.28 3.89 -8.29
CA GLU A 141 -4.16 4.51 -9.58
C GLU A 141 -3.02 3.99 -10.52
N THR A 142 -1.86 3.72 -9.91
CA THR A 142 -0.75 3.01 -10.53
C THR A 142 -0.67 1.69 -9.81
N ARG A 143 -0.69 0.56 -10.56
CA ARG A 143 -0.70 -0.76 -9.91
C ARG A 143 0.61 -0.98 -9.14
N PRO A 144 0.56 -1.71 -7.99
CA PRO A 144 1.76 -1.96 -7.23
C PRO A 144 2.59 -3.09 -7.85
N SER A 145 3.87 -3.10 -7.50
CA SER A 145 4.73 -4.26 -7.74
C SER A 145 5.44 -4.58 -6.39
N PHE A 146 5.94 -5.82 -6.29
CA PHE A 146 6.35 -6.42 -5.00
C PHE A 146 7.80 -6.89 -5.00
N ARG A 147 8.38 -6.96 -3.82
CA ARG A 147 9.77 -7.40 -3.62
C ARG A 147 9.71 -8.59 -2.63
N ILE A 148 10.22 -9.74 -3.06
CA ILE A 148 10.22 -10.98 -2.21
C ILE A 148 11.66 -11.60 -2.36
N ARG A 149 12.34 -11.74 -1.23
CA ARG A 149 13.71 -12.30 -1.13
C ARG A 149 13.71 -13.85 -1.37
N GLU A 150 14.59 -14.33 -2.26
CA GLU A 150 14.82 -15.78 -2.41
C GLU A 150 15.25 -16.38 -1.10
N ASN A 151 14.74 -17.57 -0.84
CA ASN A 151 15.32 -18.45 0.20
C ASN A 151 14.96 -17.93 1.53
N ARG A 152 13.84 -17.18 1.63
CA ARG A 152 13.37 -16.67 2.90
C ARG A 152 11.99 -17.15 3.11
N PRO A 153 11.56 -17.21 4.37
CA PRO A 153 10.24 -17.82 4.59
C PRO A 153 9.08 -17.15 3.83
N PRO A 154 8.09 -17.94 3.31
CA PRO A 154 6.86 -17.43 2.61
C PRO A 154 5.93 -16.69 3.57
N GLY A 155 5.00 -15.91 3.03
CA GLY A 155 4.10 -15.16 3.94
C GLY A 155 3.21 -14.16 3.12
N THR A 156 2.36 -13.47 3.84
CA THR A 156 1.32 -12.56 3.18
C THR A 156 2.08 -11.31 2.83
N PHE A 157 1.96 -10.90 1.58
CA PHE A 157 2.65 -9.70 1.19
C PHE A 157 1.77 -8.57 0.57
N HIS A 158 0.43 -8.76 0.44
CA HIS A 158 -0.41 -7.74 -0.19
C HIS A 158 -1.79 -7.96 0.29
N GLN A 159 -2.55 -6.90 0.24
CA GLN A 159 -3.97 -6.98 0.50
C GLN A 159 -4.61 -6.12 -0.64
N PHE A 160 -5.67 -6.61 -1.29
CA PHE A 160 -6.23 -5.92 -2.47
C PHE A 160 -7.29 -4.90 -2.23
N ARG A 161 -8.03 -4.96 -1.14
CA ARG A 161 -9.22 -4.12 -1.09
C ARG A 161 -8.83 -2.67 -0.85
N LEU A 162 -9.49 -1.68 -1.51
CA LEU A 162 -9.17 -0.26 -1.31
C LEU A 162 -9.97 0.13 -0.06
N LEU A 163 -9.26 0.48 1.03
CA LEU A 163 -9.95 0.58 2.30
C LEU A 163 -10.86 1.79 2.39
N PRO A 164 -10.43 2.98 1.90
CA PRO A 164 -11.36 4.10 1.93
C PRO A 164 -12.63 3.84 1.12
N VAL A 165 -12.54 3.12 -0.01
CA VAL A 165 -13.72 2.72 -0.82
C VAL A 165 -14.63 1.70 -0.09
N GLN A 166 -14.06 0.67 0.54
CA GLN A 166 -14.85 -0.29 1.24
C GLN A 166 -15.53 0.49 2.38
N PHE A 167 -14.84 1.46 2.97
CA PHE A 167 -15.43 2.09 4.19
C PHE A 167 -16.60 3.03 3.81
N LEU A 168 -16.41 3.89 2.80
CA LEU A 168 -17.31 4.95 2.51
C LEU A 168 -18.34 4.47 1.50
N CYS A 169 -18.06 3.36 0.80
CA CYS A 169 -18.98 2.83 -0.22
C CYS A 169 -19.25 1.39 0.07
N PRO A 170 -19.78 1.03 1.28
CA PRO A 170 -19.90 -0.37 1.62
C PRO A 170 -20.96 -1.12 0.78
N GLN A 171 -21.81 -0.38 0.06
CA GLN A 171 -22.82 -1.03 -0.80
C GLN A 171 -22.27 -1.54 -2.16
N ILE A 172 -21.01 -1.15 -2.50
CA ILE A 172 -20.31 -1.72 -3.70
C ILE A 172 -19.50 -2.97 -3.32
N SER A 173 -19.94 -4.13 -3.77
CA SER A 173 -19.18 -5.30 -3.57
C SER A 173 -17.99 -5.40 -4.58
N VAL A 174 -16.84 -5.79 -4.02
CA VAL A 174 -15.57 -5.92 -4.75
C VAL A 174 -14.88 -7.22 -4.36
N ALA A 175 -14.44 -8.05 -5.33
CA ALA A 175 -13.75 -9.31 -5.06
C ALA A 175 -12.52 -9.46 -5.96
N TYR A 176 -11.57 -10.28 -5.57
CA TYR A 176 -10.30 -10.37 -6.30
C TYR A 176 -9.84 -11.81 -6.40
N ARG A 177 -9.11 -12.14 -7.44
CA ARG A 177 -8.46 -13.41 -7.64
C ARG A 177 -7.23 -13.15 -8.48
N LEU A 178 -6.31 -14.10 -8.49
CA LEU A 178 -5.23 -14.06 -9.49
C LEU A 178 -5.55 -14.94 -10.72
N LEU A 179 -5.13 -14.53 -11.93
CA LEU A 179 -4.77 -15.49 -13.00
C LEU A 179 -3.24 -15.75 -13.20
N GLU A 180 -2.99 -16.90 -13.84
CA GLU A 180 -1.65 -17.29 -14.43
C GLU A 180 -0.62 -17.70 -13.31
N GLY A 181 -1.14 -18.02 -12.11
CA GLY A 181 -0.28 -18.54 -11.00
C GLY A 181 -0.17 -20.07 -10.75
N GLU A 182 -0.84 -20.89 -11.59
CA GLU A 182 -0.83 -22.36 -11.46
C GLU A 182 0.59 -23.01 -11.51
N GLY A 183 0.87 -23.86 -10.53
CA GLY A 183 2.23 -24.30 -10.31
C GLY A 183 3.14 -23.26 -9.60
N LEU A 184 2.64 -22.02 -9.42
CA LEU A 184 3.51 -20.90 -8.98
C LEU A 184 3.32 -20.76 -7.47
N PRO A 185 4.31 -20.16 -6.78
CA PRO A 185 4.19 -20.04 -5.37
C PRO A 185 3.18 -19.06 -4.75
N PHE A 186 2.15 -18.60 -5.46
CA PHE A 186 1.26 -17.46 -4.99
C PHE A 186 -0.11 -18.05 -4.64
N ARG A 187 -0.69 -17.57 -3.54
CA ARG A 187 -2.01 -17.92 -3.12
C ARG A 187 -2.83 -16.66 -2.91
N SER A 188 -3.98 -16.64 -3.57
CA SER A 188 -5.01 -15.66 -3.31
C SER A 188 -6.26 -16.55 -3.22
N ALA A 189 -6.72 -16.82 -2.00
CA ALA A 189 -7.75 -17.90 -1.80
C ALA A 189 -9.22 -17.49 -2.10
N PRO A 190 -10.15 -18.47 -2.42
CA PRO A 190 -11.52 -17.96 -2.66
C PRO A 190 -11.94 -17.06 -1.50
N ASP A 191 -12.57 -15.93 -1.81
CA ASP A 191 -12.97 -14.92 -0.80
C ASP A 191 -11.84 -14.23 -0.04
N SER A 192 -10.56 -14.48 -0.37
CA SER A 192 -9.47 -13.80 0.34
C SER A 192 -9.20 -12.46 -0.32
N LEU A 193 -8.89 -11.43 0.50
CA LEU A 193 -8.40 -10.18 -0.11
C LEU A 193 -6.88 -10.12 -0.04
N GLU A 194 -6.22 -11.14 0.56
CA GLU A 194 -4.75 -11.23 0.73
C GLU A 194 -4.06 -12.07 -0.29
N VAL A 195 -2.82 -11.72 -0.54
CA VAL A 195 -2.01 -12.53 -1.42
C VAL A 195 -0.79 -12.96 -0.61
N SER A 196 -0.43 -14.25 -0.74
CA SER A 196 0.71 -14.76 0.03
C SER A 196 1.56 -15.60 -0.87
N THR A 197 2.84 -15.78 -0.48
CA THR A 197 3.61 -16.86 -1.12
C THR A 197 3.40 -18.19 -0.30
N ARG A 198 3.62 -19.30 -0.97
CA ARG A 198 3.40 -20.66 -0.44
C ARG A 198 4.69 -21.38 0.00
N TRP A 199 5.82 -21.01 -0.59
CA TRP A 199 7.10 -21.64 -0.27
C TRP A 199 8.20 -20.63 -0.59
N ALA A 200 9.41 -20.86 -0.10
CA ALA A 200 10.53 -19.98 -0.37
C ALA A 200 10.80 -19.85 -1.86
N LEU A 201 11.21 -18.63 -2.30
CA LEU A 201 11.42 -18.41 -3.73
C LEU A 201 12.91 -18.70 -4.02
N ASP A 202 13.28 -18.74 -5.29
CA ASP A 202 14.68 -18.97 -5.61
C ASP A 202 15.01 -18.35 -6.98
N ARG A 203 15.96 -17.40 -6.97
CA ARG A 203 16.23 -16.67 -8.18
C ARG A 203 16.78 -17.54 -9.31
N GLU A 204 17.41 -18.69 -8.95
CA GLU A 204 17.92 -19.62 -9.95
C GLU A 204 16.77 -20.24 -10.74
N GLN A 205 15.64 -20.56 -10.11
CA GLN A 205 14.47 -20.96 -10.88
C GLN A 205 13.69 -19.82 -11.62
N ARG A 206 13.31 -18.73 -10.89
CA ARG A 206 12.60 -17.56 -11.48
C ARG A 206 13.01 -16.31 -10.75
N GLU A 207 13.38 -15.33 -11.53
CA GLU A 207 13.85 -14.05 -11.07
C GLU A 207 12.67 -13.00 -10.93
N LYS A 208 11.61 -13.14 -11.73
CA LYS A 208 10.56 -12.16 -11.97
C LYS A 208 9.30 -13.01 -12.13
N TYR A 209 8.19 -12.63 -11.53
CA TYR A 209 6.88 -13.17 -11.87
C TYR A 209 6.00 -12.00 -12.32
N GLU A 210 5.12 -12.28 -13.24
CA GLU A 210 4.13 -11.31 -13.68
C GLU A 210 2.78 -12.03 -13.76
N LEU A 211 2.02 -12.02 -12.66
CA LEU A 211 0.68 -12.58 -12.65
C LEU A 211 -0.36 -11.56 -13.11
N VAL A 212 -1.63 -11.92 -13.07
CA VAL A 212 -2.71 -10.97 -13.44
C VAL A 212 -3.60 -10.85 -12.23
N ALA A 213 -3.83 -9.63 -11.74
CA ALA A 213 -4.79 -9.42 -10.66
C ALA A 213 -6.17 -9.11 -11.29
N VAL A 214 -7.25 -9.75 -10.83
CA VAL A 214 -8.53 -9.57 -11.45
C VAL A 214 -9.52 -9.07 -10.40
N CYS A 215 -10.15 -7.93 -10.63
CA CYS A 215 -11.09 -7.43 -9.63
C CYS A 215 -12.52 -7.54 -10.25
N THR A 216 -13.49 -8.05 -9.49
CA THR A 216 -14.91 -8.07 -9.97
C THR A 216 -15.67 -7.17 -9.07
N VAL A 217 -16.27 -6.17 -9.67
CA VAL A 217 -17.06 -5.18 -8.96
C VAL A 217 -18.56 -5.51 -9.18
N HIS A 218 -19.39 -5.33 -8.14
CA HIS A 218 -20.84 -5.70 -8.13
C HIS A 218 -21.29 -7.22 -8.17
N ARG A 222 -24.79 -7.36 -14.23
CA ARG A 222 -24.30 -6.21 -13.37
C ARG A 222 -22.76 -6.24 -13.00
N GLU A 223 -22.09 -7.40 -13.01
CA GLU A 223 -20.67 -7.51 -12.74
C GLU A 223 -19.84 -6.77 -13.80
N GLU A 224 -18.76 -6.14 -13.35
CA GLU A 224 -17.76 -5.63 -14.26
C GLU A 224 -16.43 -6.00 -13.75
N VAL A 225 -15.51 -6.30 -14.65
CA VAL A 225 -14.17 -6.80 -14.29
C VAL A 225 -13.06 -5.91 -14.80
N VAL A 226 -12.05 -5.73 -13.97
CA VAL A 226 -10.89 -4.99 -14.36
C VAL A 226 -9.71 -5.91 -14.03
N MET A 227 -8.74 -5.95 -14.96
CA MET A 227 -7.54 -6.67 -14.73
C MET A 227 -6.32 -5.83 -14.82
N VAL A 228 -5.34 -6.13 -13.99
CA VAL A 228 -4.02 -5.37 -14.06
C VAL A 228 -2.88 -6.31 -13.81
N PRO A 229 -1.67 -5.99 -14.34
CA PRO A 229 -0.58 -6.88 -14.07
C PRO A 229 -0.22 -6.89 -12.58
N PHE A 230 0.41 -7.97 -12.15
CA PHE A 230 0.74 -8.16 -10.75
C PHE A 230 2.20 -8.55 -10.73
N PRO A 231 3.12 -7.56 -10.78
CA PRO A 231 4.56 -8.07 -10.87
C PRO A 231 5.28 -8.33 -9.55
N VAL A 232 6.13 -9.35 -9.49
CA VAL A 232 6.89 -9.72 -8.29
C VAL A 232 8.31 -9.94 -8.73
N THR A 233 9.27 -9.20 -8.15
CA THR A 233 10.70 -9.37 -8.38
C THR A 233 11.30 -10.14 -7.18
N VAL A 234 12.05 -11.19 -7.52
CA VAL A 234 12.78 -11.95 -6.58
C VAL A 234 14.13 -11.35 -6.26
N TYR A 235 14.29 -10.98 -5.01
CA TYR A 235 15.48 -10.33 -4.51
C TYR A 235 16.52 -11.35 -3.93
N ASP A 236 17.76 -10.86 -3.85
CA ASP A 236 18.84 -11.52 -3.17
C ASP A 236 18.45 -11.66 -1.72
N GLU A 237 18.80 -12.78 -1.06
CA GLU A 237 18.62 -12.83 0.42
C GLU A 237 19.21 -11.66 1.20
N ASP A 238 20.20 -10.97 0.64
CA ASP A 238 20.94 -10.02 1.45
C ASP A 238 21.00 -8.57 0.98
N ASP A 239 21.10 -8.33 -0.33
CA ASP A 239 21.37 -6.97 -0.87
C ASP A 239 20.11 -6.05 -0.77
N SER A 240 20.38 -4.79 -0.49
CA SER A 240 19.44 -3.73 -0.18
C SER A 240 19.13 -2.94 -1.45
N ALA A 241 19.95 -3.09 -2.51
CA ALA A 241 19.87 -2.15 -3.67
C ALA A 241 18.56 -2.45 -4.41
N PRO A 242 17.83 -1.41 -4.91
CA PRO A 242 16.60 -1.71 -5.68
C PRO A 242 16.95 -2.40 -7.02
N GLU A 243 16.10 -3.31 -7.48
CA GLU A 243 16.32 -3.81 -8.82
C GLU A 243 15.52 -2.93 -9.80
N PHE A 244 16.05 -2.71 -11.01
CA PHE A 244 15.28 -2.08 -12.07
C PHE A 244 14.01 -2.85 -12.29
N GLU A 245 12.95 -2.13 -12.66
CA GLU A 245 11.72 -2.73 -13.14
C GLU A 245 11.35 -2.16 -14.47
N ASN A 246 10.93 -3.07 -15.37
CA ASN A 246 10.49 -2.76 -16.74
C ASN A 246 9.02 -2.98 -17.05
C1 NAG B . -8.84 23.94 -0.84
C2 NAG B . -7.79 24.96 -0.30
C3 NAG B . -8.50 26.07 0.52
C4 NAG B . -9.73 26.70 -0.21
C5 NAG B . -10.67 25.71 -0.97
C6 NAG B . -11.26 26.37 -2.23
C7 NAG B . -5.43 23.94 0.05
C8 NAG B . -4.51 23.33 1.09
N2 NAG B . -6.67 24.34 0.48
O3 NAG B . -7.53 27.03 0.91
O4 NAG B . -10.54 27.60 0.59
O5 NAG B . -10.09 24.46 -1.36
O6 NAG B . -12.48 25.72 -2.48
O7 NAG B . -5.02 24.02 -1.11
C1 NAG B . -11.13 27.19 1.86
C2 NAG B . -11.10 28.43 2.79
C3 NAG B . -11.87 28.17 4.11
C4 NAG B . -13.29 27.60 3.91
C5 NAG B . -13.25 26.41 2.94
C6 NAG B . -14.68 25.98 2.60
N2 NAG B . -9.74 28.90 3.06
O3 NAG B . -11.90 29.37 4.83
O4 NAG B . -13.88 27.21 5.14
O5 NAG B . -12.47 26.67 1.75
O6 NAG B . -15.01 26.33 1.28
UNK UNX C . 8.94 15.34 -4.17
UNK UNX D . 8.13 15.58 -4.70
UNK UNX E . 9.57 12.38 -2.56
UNK UNX F . 9.41 14.07 -1.51
UNK UNX G . 9.69 11.16 -2.80
UNK UNX H . 8.82 11.46 -4.09
UNK UNX I . 9.86 13.46 -6.68
UNK UNX J . 10.58 11.76 -3.76
UNK UNX K . 11.99 12.40 -3.22
UNK UNX L . 13.27 12.82 -3.86
UNK UNX M . 8.66 12.59 -8.15
S SO4 N . -4.00 0.22 -15.74
O1 SO4 N . -2.88 -0.63 -15.06
O2 SO4 N . -3.71 0.37 -17.19
O3 SO4 N . -5.39 -0.23 -15.76
O4 SO4 N . -4.14 1.64 -15.35
S SO4 O . 10.83 11.49 11.06
O1 SO4 O . 11.92 10.99 10.24
O2 SO4 O . 9.62 11.75 10.35
O3 SO4 O . 10.73 10.61 12.29
O4 SO4 O . 11.01 12.78 11.72
S SO4 P . -5.79 20.13 12.99
O1 SO4 P . -6.24 18.88 12.32
O2 SO4 P . -5.29 21.07 11.96
O3 SO4 P . -6.99 20.70 13.67
O4 SO4 P . -4.69 19.82 13.94
S SO4 Q . 14.64 10.57 4.12
O1 SO4 Q . 14.85 9.13 3.89
O2 SO4 Q . 15.75 11.33 3.44
O3 SO4 Q . 13.28 11.08 3.75
O4 SO4 Q . 14.82 10.80 5.57
S SO4 R . 13.09 -15.62 -14.99
O1 SO4 R . 12.69 -16.62 -16.03
O2 SO4 R . 13.30 -14.31 -15.62
O3 SO4 R . 12.02 -15.46 -13.99
O4 SO4 R . 14.37 -15.99 -14.37
S SO4 S . -11.82 -17.03 -6.57
O1 SO4 S . -11.82 -17.33 -8.02
O2 SO4 S . -12.81 -17.85 -5.85
O3 SO4 S . -12.18 -15.62 -6.33
O4 SO4 S . -10.48 -17.33 -6.07
S SO4 T . -23.47 8.31 -3.47
O1 SO4 T . -23.35 7.56 -4.73
O2 SO4 T . -24.25 7.40 -2.62
O3 SO4 T . -24.10 9.58 -3.86
O4 SO4 T . -22.25 8.64 -2.69
S SO4 U . -3.20 -7.80 5.17
S SO4 U . -2.66 -8.04 7.69
O1 SO4 U . -3.24 -8.63 4.01
O1 SO4 U . -2.96 -6.92 6.80
O2 SO4 U . -4.58 -7.52 5.67
O2 SO4 U . -3.95 -8.73 7.56
O3 SO4 U . -2.61 -6.52 4.80
O3 SO4 U . -2.67 -7.82 9.14
O4 SO4 U . -2.36 -8.50 6.15
O4 SO4 U . -1.44 -8.71 7.10
C1 BU1 V . -11.21 7.29 -4.77
C2 BU1 V . -10.46 7.14 -6.18
C3 BU1 V . -10.66 5.67 -5.96
C4 BU1 V . -9.54 4.88 -5.29
O5 BU1 V . -10.22 7.81 -3.78
O6 BU1 V . -8.75 4.19 -6.40
C1 BU1 W . -2.63 6.54 -5.00
C2 BU1 W . -3.69 5.99 -5.99
C3 BU1 W . -4.17 4.89 -5.19
C4 BU1 W . -5.57 5.31 -4.62
O5 BU1 W . -2.30 7.90 -5.12
O6 BU1 W . -6.61 4.32 -4.61
#